data_4ZOY
#
_entry.id   4ZOY
#
_cell.length_a   67.440
_cell.length_b   73.020
_cell.length_c   113.890
_cell.angle_alpha   90.00
_cell.angle_beta   90.00
_cell.angle_gamma   90.00
#
_symmetry.space_group_name_H-M   'P 21 21 21'
#
loop_
_entity.id
_entity.type
_entity.pdbx_description
1 polymer Sqt1
2 water water
#
_entity_poly.entity_id   1
_entity_poly.type   'polypeptide(L)'
_entity_poly.pdbx_seq_one_letter_code
;MALENDSIAYFDGHKDSVFAIAQHPLYPNIVATGGSEGDADDAPGKGYVLDISAAAGRPVLPPSYNSDPSSAPQQNTSLN
PIFEIDGHTDSINALTFTLPRGDFLVSGGMDGRMRVYAVSVPQNGALAQFKFLAESQETEEINWFAPCPSPDHPNTIALG
ASDGSVWVFTLDASDPSNPVQIVQSYFLHTGPCTAGAWSPDGLLLATVSEDESLHVYDVFGVAASKSLVTDNGQTVVSLT
NVDQRFAVEGGLFSVAVSPTGAVVAVGGAGGQIKIVGLPRLSQPQQPQSQSQSRTGKAPAGRAGRPSQQQQTTSHQAGTI
LASLQIQSDNIESLAFSPSAPILAAGSTDGSIAVFDTSRSFALRRHLRGAHAEDPVVKVEFVKSPPNAAMAGWLLTSCGM
DGVVRRWDLRGGTAGPGTLPHMQHLQQQRQQQQEGAAPSGLVKEWKGHRSGQEGGGVLGFVQGETGERIVTVGDDAVVLV
FEAGSHHHHHH
;
_entity_poly.pdbx_strand_id   A
#
# COMPACT_ATOMS: atom_id res chain seq x y z
N GLU A 4 -21.96 -14.15 7.50
CA GLU A 4 -22.72 -13.18 6.72
C GLU A 4 -22.21 -11.76 6.96
N ASN A 5 -22.29 -11.28 8.20
CA ASN A 5 -21.76 -9.97 8.54
C ASN A 5 -21.01 -10.01 9.87
N ASP A 6 -19.69 -10.02 9.77
CA ASP A 6 -18.83 -10.09 10.95
C ASP A 6 -18.44 -8.72 11.47
N SER A 7 -18.89 -7.65 10.83
CA SER A 7 -18.47 -6.33 11.26
C SER A 7 -19.02 -5.94 12.62
N ILE A 8 -18.26 -5.12 13.34
CA ILE A 8 -18.67 -4.60 14.64
C ILE A 8 -19.06 -3.13 14.54
N ALA A 9 -18.76 -2.53 13.40
CA ALA A 9 -19.14 -1.14 13.11
C ALA A 9 -19.03 -0.91 11.63
N TYR A 10 -19.66 0.16 11.16
CA TYR A 10 -19.62 0.48 9.75
C TYR A 10 -19.76 1.97 9.55
N PHE A 11 -19.39 2.41 8.36
CA PHE A 11 -19.63 3.78 7.95
C PHE A 11 -20.11 3.77 6.51
N ASP A 12 -21.30 4.31 6.26
CA ASP A 12 -21.88 4.25 4.94
C ASP A 12 -22.01 5.62 4.27
N GLY A 13 -21.30 6.62 4.79
CA GLY A 13 -21.37 7.98 4.27
C GLY A 13 -20.93 8.20 2.83
N HIS A 14 -19.93 7.45 2.37
CA HIS A 14 -19.50 7.58 0.98
C HIS A 14 -20.64 7.22 0.03
N LYS A 15 -20.80 7.97 -1.05
CA LYS A 15 -21.89 7.70 -1.97
C LYS A 15 -21.53 6.64 -3.00
N ASP A 16 -20.23 6.44 -3.21
CA ASP A 16 -19.80 5.40 -4.14
C ASP A 16 -18.44 4.87 -3.69
N SER A 17 -17.75 4.18 -4.60
CA SER A 17 -16.51 3.46 -4.31
C SER A 17 -15.58 4.16 -3.34
N VAL A 18 -15.17 3.43 -2.31
CA VAL A 18 -14.19 3.93 -1.36
C VAL A 18 -12.83 3.33 -1.74
N PHE A 19 -12.00 4.16 -2.37
CA PHE A 19 -10.76 3.68 -2.99
C PHE A 19 -9.56 3.67 -2.06
N ALA A 20 -9.59 4.52 -1.04
CA ALA A 20 -8.39 4.79 -0.26
C ALA A 20 -8.65 4.81 1.23
N ILE A 21 -7.63 4.43 2.01
CA ILE A 21 -7.73 4.46 3.45
C ILE A 21 -6.34 4.68 4.05
N ALA A 22 -6.29 5.49 5.10
CA ALA A 22 -5.05 5.72 5.82
C ALA A 22 -5.32 5.68 7.32
N GLN A 23 -4.30 5.31 8.08
CA GLN A 23 -4.40 5.14 9.51
C GLN A 23 -3.33 5.97 10.19
N HIS A 24 -3.68 6.64 11.27
CA HIS A 24 -2.72 7.43 12.01
C HIS A 24 -1.64 6.52 12.62
N PRO A 25 -0.35 6.89 12.48
CA PRO A 25 0.70 5.96 12.92
C PRO A 25 0.81 5.79 14.44
N LEU A 26 0.28 6.75 15.20
CA LEU A 26 0.33 6.67 16.66
C LEU A 26 -1.00 6.26 17.26
N TYR A 27 -2.09 6.61 16.59
CA TYR A 27 -3.43 6.39 17.12
C TYR A 27 -4.26 5.60 16.11
N PRO A 28 -4.27 4.27 16.26
CA PRO A 28 -4.88 3.38 15.26
C PRO A 28 -6.38 3.60 15.12
N ASN A 29 -7.00 4.24 16.11
CA ASN A 29 -8.43 4.53 16.03
C ASN A 29 -8.76 5.66 15.05
N ILE A 30 -7.76 6.42 14.65
CA ILE A 30 -7.98 7.52 13.73
C ILE A 30 -7.69 7.06 12.32
N VAL A 31 -8.74 6.99 11.51
CA VAL A 31 -8.67 6.44 10.16
C VAL A 31 -9.36 7.37 9.18
N ALA A 32 -8.72 7.63 8.04
CA ALA A 32 -9.29 8.42 6.96
C ALA A 32 -9.67 7.53 5.79
N THR A 33 -10.82 7.82 5.17
CA THR A 33 -11.29 7.06 4.03
C THR A 33 -11.64 8.01 2.90
N GLY A 34 -11.50 7.55 1.66
CA GLY A 34 -11.66 8.46 0.54
C GLY A 34 -12.09 7.73 -0.72
N GLY A 35 -12.94 8.39 -1.51
CA GLY A 35 -13.32 7.77 -2.76
C GLY A 35 -14.14 8.65 -3.69
N SER A 36 -15.04 7.98 -4.39
CA SER A 36 -15.85 8.58 -5.44
C SER A 36 -17.27 8.81 -4.95
N GLU A 37 -17.88 9.91 -5.36
CA GLU A 37 -19.27 10.18 -4.96
C GLU A 37 -20.27 9.78 -6.02
N GLY A 38 -19.80 9.16 -7.10
CA GLY A 38 -20.68 8.70 -8.14
C GLY A 38 -19.99 8.45 -9.47
N ASP A 39 -20.74 8.01 -10.46
CA ASP A 39 -20.16 7.62 -11.73
C ASP A 39 -20.35 8.62 -12.84
N ALA A 40 -21.08 9.70 -12.55
CA ALA A 40 -21.19 10.80 -13.50
C ALA A 40 -19.81 11.34 -13.81
N ASP A 41 -19.63 11.85 -15.03
CA ASP A 41 -18.35 12.37 -15.46
C ASP A 41 -17.84 13.48 -14.54
N ASP A 42 -18.77 14.14 -13.87
CA ASP A 42 -18.44 15.29 -13.03
C ASP A 42 -18.54 15.01 -11.53
N ALA A 43 -18.72 13.75 -11.15
CA ALA A 43 -18.91 13.40 -9.74
C ALA A 43 -17.64 13.72 -8.95
N PRO A 44 -17.80 14.43 -7.83
CA PRO A 44 -16.66 14.85 -7.01
C PRO A 44 -16.10 13.70 -6.18
N GLY A 45 -14.95 13.93 -5.56
CA GLY A 45 -14.41 13.00 -4.60
C GLY A 45 -14.78 13.47 -3.21
N LYS A 46 -14.70 12.56 -2.25
CA LYS A 46 -15.06 12.86 -0.88
C LYS A 46 -14.24 11.99 0.05
N GLY A 47 -13.82 12.58 1.16
CA GLY A 47 -13.13 11.83 2.18
C GLY A 47 -13.71 12.11 3.55
N TYR A 48 -13.42 11.22 4.48
CA TYR A 48 -13.86 11.36 5.85
C TYR A 48 -12.76 10.94 6.80
N VAL A 49 -12.76 11.51 8.01
CA VAL A 49 -11.94 10.97 9.07
C VAL A 49 -12.86 10.37 10.12
N LEU A 50 -12.52 9.15 10.54
CA LEU A 50 -13.34 8.41 11.49
C LEU A 50 -12.56 8.16 12.76
N ASP A 51 -13.29 8.02 13.87
CA ASP A 51 -12.75 7.57 15.14
C ASP A 51 -13.36 6.22 15.48
N ILE A 52 -12.58 5.16 15.28
CA ILE A 52 -13.07 3.79 15.36
C ILE A 52 -13.21 3.32 16.82
N SER A 53 -12.70 4.11 17.76
CA SER A 53 -12.81 3.75 19.17
C SER A 53 -14.27 3.76 19.62
N ALA A 54 -15.14 4.39 18.83
CA ALA A 54 -16.57 4.41 19.10
C ALA A 54 -17.23 3.07 18.82
N ALA A 55 -16.49 2.16 18.19
CA ALA A 55 -17.02 0.83 17.87
C ALA A 55 -17.11 -0.05 19.10
N THR A 77 -22.66 1.32 16.51
CA THR A 77 -22.32 0.49 15.37
C THR A 77 -22.20 1.33 14.09
N SER A 78 -23.04 2.33 13.91
CA SER A 78 -22.90 3.26 12.79
C SER A 78 -21.96 4.40 13.17
N LEU A 79 -20.86 4.57 12.44
CA LEU A 79 -19.86 5.55 12.82
C LEU A 79 -20.17 6.95 12.30
N ASN A 80 -19.83 7.95 13.09
CA ASN A 80 -20.00 9.34 12.67
C ASN A 80 -18.66 10.01 12.46
N PRO A 81 -18.46 10.63 11.29
CA PRO A 81 -17.14 11.22 10.99
C PRO A 81 -16.78 12.38 11.92
N ILE A 82 -15.49 12.55 12.16
CA ILE A 82 -15.04 13.69 12.94
C ILE A 82 -14.47 14.79 12.04
N PHE A 83 -14.35 14.50 10.75
CA PHE A 83 -13.87 15.48 9.79
C PHE A 83 -14.29 15.07 8.38
N GLU A 84 -14.49 16.07 7.52
CA GLU A 84 -14.84 15.83 6.13
C GLU A 84 -13.78 16.42 5.22
N ILE A 85 -13.38 15.64 4.22
CA ILE A 85 -12.38 16.09 3.27
C ILE A 85 -13.06 16.52 1.98
N ASP A 86 -13.13 17.83 1.77
CA ASP A 86 -13.75 18.41 0.57
C ASP A 86 -12.71 19.09 -0.30
N GLY A 87 -13.07 19.32 -1.56
CA GLY A 87 -12.18 20.03 -2.47
C GLY A 87 -11.70 19.25 -3.66
N HIS A 88 -11.89 17.93 -3.63
CA HIS A 88 -11.53 17.12 -4.78
C HIS A 88 -12.67 17.07 -5.78
N THR A 89 -12.36 17.37 -7.03
CA THR A 89 -13.37 17.45 -8.09
C THR A 89 -13.46 16.14 -8.85
N ASP A 90 -12.68 15.16 -8.40
CA ASP A 90 -12.75 13.82 -8.94
C ASP A 90 -12.39 12.91 -7.77
N SER A 91 -12.49 11.60 -7.96
CA SER A 91 -12.34 10.63 -6.87
C SER A 91 -11.06 10.80 -6.05
N ILE A 92 -11.19 10.68 -4.73
CA ILE A 92 -9.98 10.53 -3.91
C ILE A 92 -9.44 9.12 -4.11
N ASN A 93 -8.16 9.02 -4.48
CA ASN A 93 -7.55 7.77 -4.86
C ASN A 93 -6.42 7.34 -3.91
N ALA A 94 -5.97 8.29 -3.09
CA ALA A 94 -4.85 8.05 -2.20
C ALA A 94 -5.01 8.90 -0.94
N LEU A 95 -4.65 8.32 0.19
CA LEU A 95 -4.62 8.99 1.49
C LEU A 95 -3.41 8.56 2.27
N THR A 96 -2.81 9.49 3.01
CA THR A 96 -1.81 9.07 3.96
C THR A 96 -1.70 10.06 5.13
N PHE A 97 -1.48 9.50 6.31
CA PHE A 97 -0.96 10.27 7.43
C PHE A 97 0.55 10.23 7.32
N THR A 98 1.22 11.34 7.60
CA THR A 98 2.67 11.33 7.49
C THR A 98 3.35 10.60 8.64
N LEU A 99 4.57 10.12 8.37
CA LEU A 99 5.44 9.56 9.38
C LEU A 99 6.36 10.67 9.88
N PRO A 100 6.82 10.59 11.13
CA PRO A 100 6.61 9.50 12.08
C PRO A 100 5.37 9.59 12.97
N ARG A 101 4.71 10.74 13.04
CA ARG A 101 3.73 10.96 14.09
C ARG A 101 2.39 11.51 13.59
N GLY A 102 2.17 11.47 12.28
CA GLY A 102 0.89 11.86 11.73
C GLY A 102 0.60 13.35 11.83
N ASP A 103 1.63 14.17 11.66
CA ASP A 103 1.49 15.62 11.73
C ASP A 103 0.58 16.16 10.62
N PHE A 104 0.51 15.41 9.52
CA PHE A 104 -0.30 15.83 8.40
C PHE A 104 -1.13 14.67 7.88
N LEU A 105 -2.29 15.01 7.35
CA LEU A 105 -3.12 14.11 6.58
C LEU A 105 -3.15 14.64 5.16
N VAL A 106 -2.86 13.78 4.19
CA VAL A 106 -2.77 14.21 2.82
C VAL A 106 -3.71 13.39 1.94
N SER A 107 -4.51 14.09 1.14
CA SER A 107 -5.39 13.40 0.20
C SER A 107 -4.94 13.65 -1.24
N GLY A 108 -5.13 12.64 -2.08
CA GLY A 108 -4.69 12.71 -3.46
C GLY A 108 -5.77 12.23 -4.38
N GLY A 109 -6.08 13.00 -5.41
CA GLY A 109 -7.21 12.66 -6.25
C GLY A 109 -6.92 12.30 -7.69
N MET A 110 -7.94 11.76 -8.34
CA MET A 110 -7.95 11.54 -9.78
C MET A 110 -8.02 12.88 -10.51
N ASP A 111 -8.15 13.95 -9.75
CA ASP A 111 -8.05 15.30 -10.29
C ASP A 111 -6.62 15.83 -10.21
N GLY A 112 -5.71 15.04 -9.66
CA GLY A 112 -4.32 15.44 -9.54
C GLY A 112 -4.06 16.33 -8.35
N ARG A 113 -5.10 16.68 -7.60
CA ARG A 113 -4.94 17.53 -6.43
C ARG A 113 -4.36 16.76 -5.26
N MET A 114 -3.35 17.35 -4.63
CA MET A 114 -2.83 16.88 -3.37
C MET A 114 -3.20 17.90 -2.30
N ARG A 115 -4.09 17.53 -1.39
CA ARG A 115 -4.52 18.45 -0.34
C ARG A 115 -3.89 18.08 0.98
N VAL A 116 -3.28 19.07 1.62
CA VAL A 116 -2.54 18.87 2.84
C VAL A 116 -3.24 19.48 4.06
N TYR A 117 -3.50 18.65 5.05
CA TYR A 117 -4.16 19.05 6.28
C TYR A 117 -3.26 18.85 7.48
N ALA A 118 -3.15 19.87 8.33
CA ALA A 118 -2.45 19.72 9.59
C ALA A 118 -3.32 18.96 10.57
N VAL A 119 -2.72 18.05 11.32
CA VAL A 119 -3.45 17.21 12.26
C VAL A 119 -3.01 17.47 13.69
N SER A 120 -3.98 17.64 14.58
CA SER A 120 -3.70 17.76 16.01
C SER A 120 -4.53 16.75 16.80
N VAL A 121 -3.85 16.00 17.67
CA VAL A 121 -4.51 14.94 18.43
C VAL A 121 -4.20 15.09 19.92
N PRO A 122 -5.00 15.93 20.62
CA PRO A 122 -4.87 16.30 22.03
C PRO A 122 -5.18 15.13 22.93
N GLN A 123 -4.20 14.63 23.68
CA GLN A 123 -4.44 13.59 24.70
C GLN A 123 -5.39 14.10 25.80
N ASN A 124 -5.53 15.42 25.89
CA ASN A 124 -6.43 16.04 26.87
C ASN A 124 -7.89 16.09 26.43
N GLY A 125 -8.21 17.02 25.53
CA GLY A 125 -9.58 17.22 25.08
C GLY A 125 -10.14 16.09 24.25
N ALA A 126 -11.26 16.33 23.57
CA ALA A 126 -11.94 15.32 22.75
C ALA A 126 -11.27 15.09 21.41
N LEU A 127 -9.96 15.37 21.39
CA LEU A 127 -9.04 14.90 20.35
C LEU A 127 -9.27 15.52 18.95
N ALA A 128 -8.82 14.75 17.96
CA ALA A 128 -8.53 15.15 16.58
C ALA A 128 -9.13 16.44 16.02
N GLN A 129 -8.23 17.34 15.63
CA GLN A 129 -8.55 18.54 14.86
C GLN A 129 -7.77 18.52 13.54
N PHE A 130 -8.40 19.02 12.49
CA PHE A 130 -7.81 18.99 11.14
C PHE A 130 -7.94 20.35 10.48
N LYS A 131 -6.84 20.86 9.95
CA LYS A 131 -6.85 22.17 9.32
C LYS A 131 -6.19 22.15 7.94
N PHE A 132 -6.96 22.52 6.92
CA PHE A 132 -6.44 22.61 5.57
C PHE A 132 -5.31 23.63 5.50
N LEU A 133 -4.21 23.26 4.84
CA LEU A 133 -3.05 24.14 4.76
C LEU A 133 -2.71 24.55 3.34
N ALA A 134 -2.74 23.59 2.42
CA ALA A 134 -2.28 23.82 1.06
C ALA A 134 -2.73 22.75 0.09
N GLU A 135 -2.81 23.15 -1.18
CA GLU A 135 -3.09 22.24 -2.27
C GLU A 135 -2.02 22.37 -3.34
N SER A 136 -1.57 21.22 -3.84
CA SER A 136 -0.60 21.13 -4.92
C SER A 136 -1.21 20.33 -6.08
N GLN A 137 -1.00 20.76 -7.31
CA GLN A 137 -1.56 20.04 -8.46
C GLN A 137 -0.58 20.01 -9.62
N GLU A 138 0.52 19.26 -9.44
CA GLU A 138 1.56 19.17 -10.46
C GLU A 138 1.29 18.13 -11.54
N THR A 139 0.34 17.24 -11.28
CA THR A 139 -0.02 16.19 -12.25
C THR A 139 -1.53 16.16 -12.45
N GLU A 140 -1.98 15.36 -13.41
CA GLU A 140 -3.41 15.25 -13.70
C GLU A 140 -4.12 14.16 -12.89
N GLU A 141 -3.38 13.13 -12.48
CA GLU A 141 -3.97 12.00 -11.76
C GLU A 141 -2.96 11.36 -10.81
N ILE A 142 -3.27 11.35 -9.51
CA ILE A 142 -2.44 10.68 -8.51
C ILE A 142 -2.83 9.21 -8.33
N ASN A 143 -1.87 8.32 -8.48
CA ASN A 143 -2.13 6.87 -8.39
C ASN A 143 -1.87 6.27 -7.02
N TRP A 144 -0.93 6.84 -6.28
CA TRP A 144 -0.55 6.29 -4.98
C TRP A 144 0.24 7.31 -4.18
N PHE A 145 0.22 7.14 -2.86
CA PHE A 145 1.06 7.85 -1.90
C PHE A 145 1.93 6.85 -1.15
N ALA A 146 3.12 7.27 -0.73
CA ALA A 146 3.90 6.49 0.22
C ALA A 146 4.69 7.43 1.11
N PRO A 147 4.44 7.38 2.43
CA PRO A 147 5.21 8.24 3.32
C PRO A 147 6.62 7.70 3.50
N CYS A 148 7.59 8.61 3.61
CA CYS A 148 8.97 8.26 3.80
C CYS A 148 9.22 7.75 5.23
N PRO A 149 9.78 6.54 5.38
CA PRO A 149 10.06 6.03 6.72
C PRO A 149 11.39 6.49 7.35
N SER A 150 12.17 7.33 6.65
CA SER A 150 13.43 7.82 7.23
C SER A 150 13.17 8.69 8.45
N PRO A 151 13.78 8.33 9.59
CA PRO A 151 13.60 9.22 10.75
C PRO A 151 14.29 10.57 10.52
N ASP A 152 15.21 10.60 9.57
CA ASP A 152 15.96 11.82 9.27
C ASP A 152 15.14 12.85 8.49
N HIS A 153 14.03 12.42 7.89
CA HIS A 153 13.24 13.29 7.03
C HIS A 153 11.76 13.16 7.32
N PRO A 154 11.34 13.66 8.49
CA PRO A 154 9.93 13.58 8.87
C PRO A 154 9.01 14.32 7.89
N ASN A 155 7.78 13.83 7.81
CA ASN A 155 6.74 14.49 7.03
C ASN A 155 7.10 14.64 5.55
N THR A 156 7.77 13.63 5.03
CA THR A 156 8.09 13.55 3.62
C THR A 156 7.22 12.46 2.99
N ILE A 157 6.67 12.78 1.82
CA ILE A 157 5.75 11.87 1.12
C ILE A 157 6.11 11.77 -0.36
N ALA A 158 5.93 10.58 -0.92
CA ALA A 158 6.06 10.38 -2.34
C ALA A 158 4.72 10.08 -2.96
N LEU A 159 4.60 10.41 -4.22
CA LEU A 159 3.46 9.99 -5.04
C LEU A 159 3.91 9.60 -6.43
N GLY A 160 3.08 8.81 -7.11
CA GLY A 160 3.29 8.51 -8.51
C GLY A 160 2.04 8.86 -9.27
N ALA A 161 2.20 9.24 -10.53
CA ALA A 161 1.07 9.78 -11.30
C ALA A 161 0.85 9.08 -12.65
N SER A 162 -0.25 9.41 -13.30
CA SER A 162 -0.63 8.77 -14.57
C SER A 162 0.31 9.13 -15.72
N ASP A 163 1.03 10.24 -15.59
CA ASP A 163 2.02 10.62 -16.61
C ASP A 163 3.37 9.96 -16.38
N GLY A 164 3.45 9.08 -15.38
CA GLY A 164 4.67 8.36 -15.11
C GLY A 164 5.57 9.06 -14.12
N SER A 165 5.21 10.29 -13.76
CA SER A 165 6.09 11.07 -12.89
C SER A 165 5.98 10.63 -11.43
N VAL A 166 7.06 10.86 -10.70
CA VAL A 166 7.13 10.56 -9.29
C VAL A 166 7.62 11.81 -8.59
N TRP A 167 6.85 12.26 -7.60
CA TRP A 167 7.13 13.47 -6.85
C TRP A 167 7.39 13.14 -5.39
N VAL A 168 8.39 13.80 -4.81
CA VAL A 168 8.64 13.70 -3.38
C VAL A 168 8.51 15.08 -2.76
N PHE A 169 7.63 15.20 -1.77
CA PHE A 169 7.37 16.48 -1.11
C PHE A 169 7.72 16.39 0.34
N THR A 170 8.17 17.51 0.92
CA THR A 170 8.31 17.58 2.36
C THR A 170 7.40 18.68 2.90
N LEU A 171 6.67 18.35 3.96
CA LEU A 171 5.67 19.24 4.55
C LEU A 171 6.32 19.92 5.73
N ASP A 172 6.73 21.17 5.51
CA ASP A 172 7.57 21.89 6.47
C ASP A 172 7.40 23.40 6.31
N ALA A 173 7.21 24.06 7.45
CA ALA A 173 7.33 25.52 7.58
C ALA A 173 6.23 26.31 6.89
N ASN A 178 4.75 28.87 2.03
CA ASN A 178 5.09 27.77 1.14
C ASN A 178 5.40 26.48 1.92
N PRO A 179 4.36 25.92 2.54
CA PRO A 179 4.49 24.75 3.44
C PRO A 179 4.82 23.47 2.68
N VAL A 180 4.72 23.49 1.35
CA VAL A 180 5.04 22.30 0.57
C VAL A 180 6.34 22.50 -0.25
N GLN A 181 7.44 21.95 0.26
CA GLN A 181 8.71 21.70 -0.47
C GLN A 181 8.66 20.58 -1.47
N ILE A 182 9.22 20.84 -2.64
CA ILE A 182 9.48 19.78 -3.58
C ILE A 182 10.91 19.25 -3.42
N VAL A 183 11.05 18.02 -2.94
CA VAL A 183 12.37 17.39 -2.81
C VAL A 183 12.87 16.84 -4.13
N GLN A 184 11.99 16.14 -4.85
CA GLN A 184 12.30 15.58 -6.16
C GLN A 184 11.08 15.57 -7.05
N SER A 185 11.32 15.67 -8.36
CA SER A 185 10.30 15.40 -9.36
C SER A 185 10.97 14.64 -10.49
N TYR A 186 10.58 13.38 -10.64
CA TYR A 186 11.19 12.48 -11.60
C TYR A 186 10.27 12.17 -12.75
N PHE A 187 10.83 12.07 -13.96
CA PHE A 187 10.06 11.84 -15.16
C PHE A 187 10.68 10.75 -16.01
N LEU A 188 11.02 9.64 -15.37
CA LEU A 188 11.71 8.55 -16.05
C LEU A 188 10.75 7.51 -16.63
N HIS A 189 9.69 7.14 -15.90
CA HIS A 189 8.67 6.26 -16.47
C HIS A 189 8.01 6.96 -17.66
N THR A 190 7.62 6.20 -18.66
CA THR A 190 6.97 6.76 -19.86
C THR A 190 5.49 6.39 -19.97
N GLY A 191 5.01 5.61 -19.01
CA GLY A 191 3.59 5.30 -18.88
C GLY A 191 3.22 5.45 -17.42
N PRO A 192 1.92 5.26 -17.09
CA PRO A 192 1.44 5.42 -15.72
C PRO A 192 2.33 4.75 -14.67
N CYS A 193 2.63 5.49 -13.62
CA CYS A 193 3.37 4.94 -12.49
C CYS A 193 2.38 4.28 -11.53
N THR A 194 2.47 2.96 -11.44
CA THR A 194 1.41 2.17 -10.82
C THR A 194 1.60 1.91 -9.33
N ALA A 195 2.85 1.96 -8.87
CA ALA A 195 3.15 1.65 -7.47
C ALA A 195 4.51 2.18 -7.07
N GLY A 196 4.67 2.39 -5.76
CA GLY A 196 5.93 2.84 -5.18
C GLY A 196 6.14 2.27 -3.80
N ALA A 197 7.41 2.10 -3.43
CA ALA A 197 7.77 1.62 -2.11
C ALA A 197 9.11 2.16 -1.72
N TRP A 198 9.21 2.63 -0.48
CA TRP A 198 10.49 3.09 0.04
C TRP A 198 11.30 1.92 0.57
N SER A 199 12.62 2.05 0.53
CA SER A 199 13.45 1.17 1.34
C SER A 199 13.22 1.47 2.82
N PRO A 200 13.45 0.50 3.71
CA PRO A 200 13.20 0.72 5.14
C PRO A 200 13.98 1.90 5.74
N ASP A 201 15.16 2.22 5.23
CA ASP A 201 15.88 3.38 5.74
C ASP A 201 15.39 4.69 5.13
N GLY A 202 14.41 4.62 4.23
CA GLY A 202 13.84 5.79 3.63
C GLY A 202 14.74 6.55 2.66
N LEU A 203 15.88 5.97 2.28
CA LEU A 203 16.79 6.67 1.39
C LEU A 203 16.55 6.39 -0.09
N LEU A 204 15.92 5.26 -0.39
CA LEU A 204 15.62 4.86 -1.75
C LEU A 204 14.12 4.76 -1.96
N LEU A 205 13.67 5.10 -3.15
CA LEU A 205 12.26 5.00 -3.52
C LEU A 205 12.16 4.22 -4.81
N ALA A 206 11.54 3.04 -4.73
CA ALA A 206 11.36 2.18 -5.90
C ALA A 206 9.98 2.33 -6.49
N THR A 207 9.91 2.66 -7.77
CA THR A 207 8.61 2.79 -8.43
C THR A 207 8.58 2.01 -9.74
N VAL A 208 7.38 1.60 -10.10
CA VAL A 208 7.16 0.78 -11.29
C VAL A 208 6.06 1.36 -12.15
N SER A 209 6.01 0.90 -13.40
CA SER A 209 5.13 1.48 -14.40
C SER A 209 4.50 0.44 -15.32
N GLU A 210 3.33 0.78 -15.85
CA GLU A 210 2.70 0.02 -16.93
C GLU A 210 3.63 -0.17 -18.12
N ASP A 211 4.61 0.72 -18.28
CA ASP A 211 5.53 0.67 -19.42
C ASP A 211 6.67 -0.34 -19.19
N GLU A 212 6.59 -1.05 -18.06
CA GLU A 212 7.46 -2.18 -17.69
C GLU A 212 8.78 -1.75 -17.03
N SER A 213 8.95 -0.44 -16.76
CA SER A 213 10.18 0.01 -16.12
C SER A 213 10.12 0.05 -14.60
N LEU A 214 11.30 -0.12 -14.00
CA LEU A 214 11.56 0.03 -12.58
C LEU A 214 12.64 1.07 -12.40
N HIS A 215 12.40 2.09 -11.58
CA HIS A 215 13.44 3.04 -11.21
C HIS A 215 13.50 3.13 -9.70
N VAL A 216 14.71 3.15 -9.17
CA VAL A 216 14.90 3.27 -7.74
C VAL A 216 15.69 4.54 -7.47
N TYR A 217 14.99 5.56 -6.95
CA TYR A 217 15.55 6.91 -6.86
C TYR A 217 16.36 7.14 -5.62
N ASP A 218 17.48 7.82 -5.82
CA ASP A 218 18.35 8.30 -4.74
C ASP A 218 17.80 9.61 -4.17
N VAL A 219 16.74 9.51 -3.37
CA VAL A 219 15.91 10.68 -3.08
C VAL A 219 16.66 11.80 -2.35
N PHE A 220 17.57 11.43 -1.45
CA PHE A 220 18.25 12.42 -0.63
C PHE A 220 19.74 12.56 -0.96
N GLY A 221 20.16 11.99 -2.08
CA GLY A 221 21.50 12.26 -2.61
C GLY A 221 22.61 11.43 -1.98
N VAL A 222 22.25 10.51 -1.09
CA VAL A 222 23.26 9.72 -0.39
C VAL A 222 23.98 8.78 -1.35
N ALA A 223 23.25 8.10 -2.21
CA ALA A 223 23.92 7.18 -3.12
C ALA A 223 24.83 7.93 -4.09
N ALA A 224 24.41 9.12 -4.54
CA ALA A 224 25.23 9.88 -5.48
C ALA A 224 26.58 10.24 -4.85
N SER A 225 26.57 10.55 -3.56
CA SER A 225 27.79 10.92 -2.86
C SER A 225 28.72 9.73 -2.65
N LYS A 226 28.19 8.53 -2.86
CA LYS A 226 28.95 7.30 -2.69
C LYS A 226 29.22 6.65 -4.05
N SER A 227 28.99 7.40 -5.11
CA SER A 227 29.18 6.95 -6.49
C SER A 227 28.42 5.66 -6.77
N LEU A 228 27.17 5.62 -6.30
CA LEU A 228 26.32 4.44 -6.48
C LEU A 228 25.10 4.74 -7.33
N VAL A 229 25.13 5.84 -8.08
CA VAL A 229 24.02 6.13 -8.99
C VAL A 229 24.38 5.80 -10.43
N THR A 230 23.35 5.49 -11.22
CA THR A 230 23.50 5.16 -12.63
C THR A 230 23.85 6.38 -13.44
N ASP A 231 23.99 6.19 -14.76
CA ASP A 231 24.33 7.25 -15.68
C ASP A 231 23.36 8.42 -15.66
N ASN A 232 22.11 8.19 -15.28
CA ASN A 232 21.12 9.27 -15.30
C ASN A 232 21.24 10.17 -14.08
N GLY A 233 22.09 9.77 -13.13
CA GLY A 233 22.39 10.59 -11.98
C GLY A 233 21.33 10.57 -10.91
N GLN A 234 20.17 10.01 -11.23
CA GLN A 234 19.03 10.08 -10.33
C GLN A 234 18.73 8.75 -9.62
N THR A 235 19.02 7.63 -10.27
CA THR A 235 18.64 6.34 -9.71
C THR A 235 19.82 5.47 -9.34
N VAL A 236 19.59 4.50 -8.45
CA VAL A 236 20.60 3.48 -8.15
C VAL A 236 20.37 2.21 -8.96
N VAL A 237 19.14 2.05 -9.46
CA VAL A 237 18.73 0.98 -10.36
C VAL A 237 17.75 1.56 -11.37
N SER A 238 17.98 1.28 -12.65
CA SER A 238 17.03 1.61 -13.71
C SER A 238 16.96 0.42 -14.66
N LEU A 239 15.80 -0.20 -14.75
CA LEU A 239 15.59 -1.33 -15.64
C LEU A 239 14.34 -1.10 -16.48
N THR A 240 14.43 -1.40 -17.77
CA THR A 240 13.35 -1.12 -18.69
C THR A 240 13.05 -2.31 -19.59
N ASN A 241 12.15 -2.07 -20.53
N ASN A 241 12.12 -2.06 -20.51
CA ASN A 241 11.68 -3.11 -21.45
CA ASN A 241 11.68 -3.03 -21.50
C ASN A 241 12.78 -3.67 -22.38
C ASN A 241 12.82 -3.69 -22.27
N VAL A 242 13.86 -2.91 -22.55
CA VAL A 242 14.95 -3.38 -23.40
C VAL A 242 15.83 -4.40 -22.67
N ASP A 243 15.72 -4.44 -21.35
CA ASP A 243 16.43 -5.43 -20.55
C ASP A 243 15.64 -6.74 -20.56
N GLN A 244 16.01 -7.65 -21.46
CA GLN A 244 15.23 -8.85 -21.77
C GLN A 244 15.00 -9.76 -20.56
N ARG A 245 15.95 -9.78 -19.64
CA ARG A 245 15.86 -10.64 -18.47
C ARG A 245 14.92 -10.01 -17.43
N PHE A 246 14.56 -8.74 -17.65
CA PHE A 246 13.72 -8.02 -16.70
C PHE A 246 12.30 -7.82 -17.21
N ALA A 247 12.17 -7.66 -18.53
CA ALA A 247 10.92 -7.23 -19.14
C ALA A 247 9.73 -8.12 -18.80
N VAL A 248 8.68 -7.49 -18.27
CA VAL A 248 7.44 -8.21 -18.00
C VAL A 248 6.37 -7.68 -18.95
N GLU A 249 6.09 -8.44 -20.01
CA GLU A 249 5.15 -7.98 -21.02
C GLU A 249 3.76 -7.76 -20.42
N GLY A 250 3.23 -6.55 -20.62
CA GLY A 250 1.93 -6.19 -20.10
C GLY A 250 2.02 -5.22 -18.94
N GLY A 251 3.23 -5.06 -18.39
CA GLY A 251 3.46 -4.02 -17.39
C GLY A 251 3.70 -4.49 -15.97
N LEU A 252 4.15 -3.55 -15.15
CA LEU A 252 4.35 -3.78 -13.72
C LEU A 252 3.30 -3.04 -12.89
N PHE A 253 2.86 -3.66 -11.81
CA PHE A 253 1.71 -3.17 -11.05
C PHE A 253 1.94 -3.12 -9.54
N SER A 254 3.02 -3.73 -9.07
CA SER A 254 3.29 -3.78 -7.63
C SER A 254 4.79 -3.79 -7.37
N VAL A 255 5.16 -3.37 -6.16
CA VAL A 255 6.57 -3.25 -5.79
C VAL A 255 6.66 -3.30 -4.26
N ALA A 256 7.74 -3.91 -3.78
CA ALA A 256 8.02 -4.04 -2.36
C ALA A 256 9.52 -4.14 -2.16
N VAL A 257 10.00 -3.58 -1.06
CA VAL A 257 11.42 -3.65 -0.72
C VAL A 257 11.61 -4.51 0.55
N SER A 258 12.66 -5.33 0.57
CA SER A 258 12.88 -6.26 1.69
C SER A 258 13.29 -5.53 2.97
N PRO A 259 13.12 -6.17 4.13
CA PRO A 259 13.36 -5.47 5.40
C PRO A 259 14.80 -4.99 5.59
N THR A 260 15.78 -5.62 4.95
CA THR A 260 17.15 -5.14 5.05
C THR A 260 17.49 -4.11 3.98
N GLY A 261 16.56 -3.89 3.05
CA GLY A 261 16.83 -3.04 1.92
C GLY A 261 17.71 -3.64 0.84
N ALA A 262 17.98 -4.94 0.94
CA ALA A 262 18.92 -5.58 0.01
C ALA A 262 18.33 -5.86 -1.37
N VAL A 263 17.01 -6.06 -1.43
CA VAL A 263 16.38 -6.32 -2.72
C VAL A 263 15.05 -5.61 -2.86
N VAL A 264 14.65 -5.43 -4.11
CA VAL A 264 13.31 -4.98 -4.43
C VAL A 264 12.63 -6.06 -5.26
N ALA A 265 11.35 -6.30 -4.96
CA ALA A 265 10.51 -7.19 -5.76
C ALA A 265 9.53 -6.36 -6.56
N VAL A 266 9.37 -6.68 -7.84
CA VAL A 266 8.36 -6.05 -8.67
C VAL A 266 7.42 -7.14 -9.19
N GLY A 267 6.15 -6.80 -9.29
CA GLY A 267 5.15 -7.77 -9.72
C GLY A 267 4.37 -7.18 -10.87
N GLY A 268 4.02 -8.03 -11.82
CA GLY A 268 3.33 -7.53 -12.99
C GLY A 268 2.44 -8.52 -13.70
N ALA A 269 2.25 -8.28 -14.99
CA ALA A 269 1.35 -9.08 -15.80
C ALA A 269 1.77 -10.54 -15.85
N GLY A 270 0.80 -11.43 -16.09
CA GLY A 270 1.10 -12.84 -16.30
C GLY A 270 1.59 -13.58 -15.07
N GLY A 271 1.45 -12.96 -13.91
CA GLY A 271 1.92 -13.57 -12.67
C GLY A 271 3.41 -13.39 -12.43
N GLN A 272 4.06 -12.54 -13.22
CA GLN A 272 5.52 -12.45 -13.13
C GLN A 272 5.98 -11.59 -11.98
N ILE A 273 7.05 -12.06 -11.34
CA ILE A 273 7.72 -11.34 -10.28
C ILE A 273 9.21 -11.32 -10.59
N LYS A 274 9.86 -10.17 -10.43
CA LYS A 274 11.31 -10.07 -10.57
C LYS A 274 11.92 -9.58 -9.27
N ILE A 275 13.02 -10.19 -8.87
CA ILE A 275 13.78 -9.79 -7.68
C ILE A 275 15.07 -9.12 -8.14
N VAL A 276 15.29 -7.87 -7.70
CA VAL A 276 16.42 -7.07 -8.15
C VAL A 276 17.24 -6.59 -6.96
N GLY A 277 18.56 -6.67 -7.06
CA GLY A 277 19.41 -6.21 -5.98
C GLY A 277 19.48 -4.69 -5.86
N LEU A 278 19.60 -4.22 -4.62
CA LEU A 278 19.79 -2.80 -4.31
C LEU A 278 21.11 -2.59 -3.61
N PRO A 279 21.69 -1.40 -3.74
CA PRO A 279 22.86 -1.09 -2.93
C PRO A 279 22.46 -0.82 -1.48
N ARG A 280 23.32 -1.17 -0.53
CA ARG A 280 23.03 -0.88 0.87
C ARG A 280 23.62 0.49 1.22
N LEU A 281 22.82 1.35 1.83
CA LEU A 281 23.20 2.74 2.08
C LEU A 281 23.02 3.12 3.54
N GLN A 316 26.35 -5.92 -7.29
CA GLN A 316 25.18 -6.39 -6.57
C GLN A 316 23.91 -5.67 -7.04
N ALA A 317 24.01 -4.36 -7.23
CA ALA A 317 22.86 -3.54 -7.57
C ALA A 317 22.42 -3.68 -9.02
N GLY A 318 21.11 -3.83 -9.21
CA GLY A 318 20.53 -3.79 -10.53
C GLY A 318 20.53 -5.11 -11.28
N THR A 319 21.03 -6.16 -10.64
CA THR A 319 20.99 -7.45 -11.28
C THR A 319 19.73 -8.21 -10.86
N ILE A 320 19.28 -9.07 -11.75
CA ILE A 320 18.11 -9.90 -11.47
C ILE A 320 18.55 -11.13 -10.69
N LEU A 321 18.05 -11.29 -9.49
CA LEU A 321 18.47 -12.34 -8.61
C LEU A 321 17.53 -13.55 -8.67
N ALA A 322 16.31 -13.31 -9.10
CA ALA A 322 15.32 -14.34 -9.25
C ALA A 322 14.16 -13.83 -10.08
N SER A 323 13.56 -14.81 -10.79
N SER A 323 13.57 -14.81 -10.81
CA SER A 323 12.39 -14.52 -11.60
CA SER A 323 12.38 -14.51 -11.60
C SER A 323 11.33 -15.57 -11.30
C SER A 323 11.35 -15.56 -11.24
N LEU A 324 10.16 -15.12 -11.09
CA LEU A 324 9.06 -15.98 -10.71
C LEU A 324 7.77 -15.88 -11.48
N GLN A 325 7.20 -17.05 -11.72
CA GLN A 325 5.93 -17.12 -12.40
C GLN A 325 5.15 -18.39 -12.27
N ILE A 326 4.57 -18.36 -11.06
CA ILE A 326 3.73 -19.39 -10.51
C ILE A 326 2.29 -19.04 -10.66
N GLN A 327 1.93 -17.82 -10.51
CA GLN A 327 0.55 -17.41 -10.69
C GLN A 327 0.26 -17.05 -12.14
N SER A 328 -1.00 -16.78 -12.47
CA SER A 328 -1.38 -16.73 -13.88
C SER A 328 -1.84 -15.35 -14.37
N ASP A 329 -1.96 -14.39 -13.47
CA ASP A 329 -2.46 -13.09 -13.85
C ASP A 329 -1.75 -12.03 -12.98
N ASN A 330 -2.03 -10.76 -13.26
CA ASN A 330 -1.35 -9.62 -12.64
C ASN A 330 -1.05 -9.81 -11.16
N ILE A 331 0.20 -9.54 -10.79
CA ILE A 331 0.55 -9.47 -9.38
C ILE A 331 0.21 -8.07 -8.90
N GLU A 332 -0.87 -7.96 -8.14
CA GLU A 332 -1.36 -6.65 -7.75
C GLU A 332 -0.85 -6.22 -6.38
N SER A 333 -0.28 -7.16 -5.62
CA SER A 333 0.19 -6.82 -4.28
C SER A 333 1.34 -7.73 -3.89
N LEU A 334 2.40 -7.13 -3.33
CA LEU A 334 3.61 -7.80 -2.91
C LEU A 334 3.97 -7.34 -1.50
N ALA A 335 4.36 -8.27 -0.66
CA ALA A 335 4.84 -7.90 0.68
C ALA A 335 5.90 -8.85 1.18
N PHE A 336 7.02 -8.26 1.63
CA PHE A 336 8.00 -9.02 2.39
C PHE A 336 7.58 -9.08 3.85
N SER A 337 7.73 -10.25 4.46
CA SER A 337 7.53 -10.35 5.90
C SER A 337 8.57 -9.50 6.61
N PRO A 338 8.15 -8.79 7.67
CA PRO A 338 9.11 -7.96 8.41
C PRO A 338 10.13 -8.79 9.18
N SER A 339 9.86 -10.05 9.47
CA SER A 339 10.81 -10.83 10.27
C SER A 339 10.94 -12.31 9.93
N ALA A 340 10.15 -12.81 8.99
CA ALA A 340 10.33 -14.16 8.49
C ALA A 340 10.88 -14.06 7.07
N PRO A 341 11.63 -15.08 6.63
CA PRO A 341 12.28 -14.99 5.32
C PRO A 341 11.33 -15.39 4.20
N ILE A 342 10.26 -14.64 4.05
CA ILE A 342 9.27 -14.95 3.03
C ILE A 342 8.75 -13.70 2.33
N LEU A 343 8.30 -13.91 1.10
CA LEU A 343 7.65 -12.90 0.27
C LEU A 343 6.30 -13.43 -0.15
N ALA A 344 5.25 -12.62 0.03
CA ALA A 344 3.90 -12.99 -0.39
C ALA A 344 3.44 -12.15 -1.58
N ALA A 345 2.74 -12.79 -2.52
CA ALA A 345 2.28 -12.13 -3.73
C ALA A 345 0.80 -12.44 -3.96
N GLY A 346 -0.01 -11.41 -4.17
CA GLY A 346 -1.43 -11.59 -4.44
C GLY A 346 -1.72 -11.31 -5.89
N SER A 347 -2.52 -12.18 -6.52
CA SER A 347 -2.76 -12.09 -7.95
C SER A 347 -4.20 -11.80 -8.29
N THR A 348 -4.40 -11.19 -9.46
CA THR A 348 -5.72 -11.02 -10.05
C THR A 348 -6.45 -12.36 -10.21
N ASP A 349 -5.71 -13.46 -10.28
CA ASP A 349 -6.35 -14.78 -10.46
C ASP A 349 -6.92 -15.37 -9.17
N GLY A 350 -6.83 -14.63 -8.07
CA GLY A 350 -7.41 -15.10 -6.82
C GLY A 350 -6.47 -15.82 -5.86
N SER A 351 -5.23 -16.04 -6.29
CA SER A 351 -4.29 -16.80 -5.48
C SER A 351 -3.28 -15.93 -4.76
N ILE A 352 -2.72 -16.49 -3.70
CA ILE A 352 -1.58 -15.90 -3.03
C ILE A 352 -0.46 -16.92 -3.17
N ALA A 353 0.74 -16.45 -3.45
CA ALA A 353 1.91 -17.31 -3.48
C ALA A 353 2.95 -16.82 -2.47
N VAL A 354 3.62 -17.76 -1.83
CA VAL A 354 4.58 -17.46 -0.78
C VAL A 354 5.92 -18.06 -1.19
N PHE A 355 6.96 -17.22 -1.17
CA PHE A 355 8.29 -17.64 -1.58
C PHE A 355 9.30 -17.51 -0.45
N ASP A 356 10.26 -18.43 -0.39
CA ASP A 356 11.31 -18.41 0.64
C ASP A 356 12.51 -17.58 0.20
N THR A 357 12.67 -16.40 0.79
CA THR A 357 13.65 -15.43 0.33
C THR A 357 15.09 -15.86 0.62
N SER A 358 15.27 -16.80 1.53
CA SER A 358 16.60 -17.29 1.86
C SER A 358 16.91 -18.58 1.09
N ARG A 359 16.05 -18.94 0.14
CA ARG A 359 16.23 -20.17 -0.63
C ARG A 359 15.97 -19.95 -2.12
N SER A 360 16.57 -18.89 -2.66
CA SER A 360 16.42 -18.53 -4.07
C SER A 360 14.96 -18.36 -4.44
N PHE A 361 14.16 -17.89 -3.48
CA PHE A 361 12.74 -17.64 -3.71
C PHE A 361 12.02 -18.90 -4.19
N ALA A 362 12.45 -20.03 -3.64
CA ALA A 362 11.71 -21.28 -3.84
C ALA A 362 10.27 -21.11 -3.38
N LEU A 363 9.37 -21.83 -4.02
CA LEU A 363 7.96 -21.75 -3.66
C LEU A 363 7.69 -22.47 -2.35
N ARG A 364 7.14 -21.74 -1.39
CA ARG A 364 6.75 -22.32 -0.11
C ARG A 364 5.32 -22.83 -0.17
N ARG A 365 4.44 -22.02 -0.74
CA ARG A 365 3.04 -22.39 -0.82
C ARG A 365 2.34 -21.58 -1.89
N HIS A 366 1.48 -22.26 -2.66
CA HIS A 366 0.63 -21.60 -3.63
C HIS A 366 -0.80 -21.76 -3.13
N LEU A 367 -1.35 -20.68 -2.58
CA LEU A 367 -2.71 -20.69 -2.05
C LEU A 367 -3.68 -20.35 -3.16
N ARG A 368 -4.08 -21.37 -3.92
CA ARG A 368 -5.03 -21.17 -5.00
C ARG A 368 -6.41 -20.89 -4.41
N GLY A 369 -7.12 -19.93 -5.01
CA GLY A 369 -8.46 -19.62 -4.53
C GLY A 369 -8.51 -18.98 -3.16
N ALA A 370 -7.42 -18.30 -2.78
CA ALA A 370 -7.40 -17.54 -1.54
C ALA A 370 -8.56 -16.54 -1.48
N HIS A 371 -8.89 -15.98 -2.64
CA HIS A 371 -10.10 -15.17 -2.74
C HIS A 371 -10.95 -15.66 -3.91
N ALA A 372 -11.20 -16.96 -3.88
CA ALA A 372 -11.88 -17.67 -4.96
C ALA A 372 -11.19 -17.36 -6.29
N GLU A 373 -11.93 -16.99 -7.32
CA GLU A 373 -11.33 -16.63 -8.59
C GLU A 373 -11.39 -15.12 -8.82
N ASP A 374 -11.59 -14.37 -7.73
CA ASP A 374 -11.65 -12.91 -7.78
C ASP A 374 -10.30 -12.32 -7.40
N PRO A 375 -9.98 -11.13 -7.91
CA PRO A 375 -8.67 -10.52 -7.61
C PRO A 375 -8.31 -10.38 -6.13
N VAL A 376 -7.10 -10.78 -5.79
CA VAL A 376 -6.52 -10.46 -4.51
C VAL A 376 -5.97 -9.04 -4.63
N VAL A 377 -6.57 -8.13 -3.89
CA VAL A 377 -6.28 -6.71 -4.04
C VAL A 377 -5.08 -6.26 -3.20
N LYS A 378 -4.99 -6.79 -1.99
CA LYS A 378 -3.94 -6.38 -1.07
C LYS A 378 -3.57 -7.51 -0.14
N VAL A 379 -2.27 -7.67 0.09
CA VAL A 379 -1.77 -8.53 1.15
C VAL A 379 -0.84 -7.70 2.03
N GLU A 380 -0.88 -7.97 3.33
CA GLU A 380 -0.07 -7.18 4.27
C GLU A 380 0.18 -7.98 5.53
N PHE A 381 1.45 -8.08 5.95
CA PHE A 381 1.78 -8.80 7.17
C PHE A 381 1.39 -8.03 8.41
N VAL A 382 0.90 -8.76 9.40
CA VAL A 382 0.69 -8.19 10.73
C VAL A 382 2.06 -7.90 11.37
N LYS A 383 2.24 -6.66 11.79
CA LYS A 383 3.55 -6.23 12.30
C LYS A 383 3.87 -6.80 13.66
N SER A 384 2.90 -6.78 14.56
CA SER A 384 3.12 -7.21 15.93
C SER A 384 1.95 -8.03 16.43
N PRO A 385 1.83 -9.27 15.96
CA PRO A 385 0.67 -10.07 16.38
C PRO A 385 0.66 -10.30 17.89
N PRO A 386 -0.54 -10.41 18.48
CA PRO A 386 -0.66 -10.65 19.92
C PRO A 386 0.14 -11.85 20.36
N ASN A 387 0.17 -12.90 19.56
CA ASN A 387 1.03 -14.04 19.85
C ASN A 387 2.40 -13.75 19.23
N ALA A 388 3.33 -13.34 20.08
CA ALA A 388 4.61 -12.81 19.62
C ALA A 388 5.38 -13.87 18.82
N ALA A 389 5.13 -15.14 19.12
CA ALA A 389 5.80 -16.24 18.44
C ALA A 389 5.44 -16.32 16.96
N MET A 390 4.33 -15.69 16.58
CA MET A 390 3.83 -15.72 15.21
C MET A 390 4.29 -14.52 14.40
N ALA A 391 5.18 -13.74 14.99
CA ALA A 391 5.75 -12.58 14.32
C ALA A 391 6.31 -12.95 12.95
N GLY A 392 5.88 -12.21 11.94
CA GLY A 392 6.34 -12.41 10.57
C GLY A 392 5.59 -13.45 9.77
N TRP A 393 4.71 -14.21 10.42
CA TRP A 393 4.08 -15.36 9.74
C TRP A 393 2.59 -15.18 9.44
N LEU A 394 2.03 -14.07 9.89
CA LEU A 394 0.59 -13.82 9.74
C LEU A 394 0.34 -12.76 8.67
N LEU A 395 -0.45 -13.15 7.67
CA LEU A 395 -0.72 -12.32 6.50
C LEU A 395 -2.21 -12.04 6.40
N THR A 396 -2.55 -10.76 6.26
CA THR A 396 -3.94 -10.37 6.00
C THR A 396 -4.12 -10.06 4.53
N SER A 397 -5.22 -10.54 3.95
CA SER A 397 -5.49 -10.29 2.53
C SER A 397 -6.93 -9.82 2.34
N CYS A 398 -7.18 -9.07 1.27
CA CYS A 398 -8.56 -8.74 0.90
C CYS A 398 -8.73 -8.92 -0.59
N GLY A 399 -9.97 -9.13 -1.03
CA GLY A 399 -10.21 -9.46 -2.41
C GLY A 399 -11.52 -8.98 -2.94
N MET A 400 -11.67 -9.09 -4.25
CA MET A 400 -12.89 -8.69 -4.90
C MET A 400 -14.02 -9.70 -4.69
N ASP A 401 -13.75 -10.74 -3.91
CA ASP A 401 -14.84 -11.63 -3.48
C ASP A 401 -15.59 -11.01 -2.30
N GLY A 402 -15.10 -9.88 -1.80
CA GLY A 402 -15.76 -9.18 -0.71
C GLY A 402 -15.35 -9.67 0.67
N VAL A 403 -14.28 -10.46 0.74
CA VAL A 403 -13.86 -11.08 1.99
C VAL A 403 -12.45 -10.62 2.39
N VAL A 404 -12.24 -10.47 3.70
CA VAL A 404 -10.91 -10.26 4.26
C VAL A 404 -10.50 -11.55 4.94
N ARG A 405 -9.27 -11.98 4.74
CA ARG A 405 -8.81 -13.23 5.33
C ARG A 405 -7.47 -13.05 6.02
N ARG A 406 -7.18 -13.93 6.97
CA ARG A 406 -5.85 -13.92 7.55
C ARG A 406 -5.28 -15.32 7.51
N TRP A 407 -4.01 -15.39 7.19
CA TRP A 407 -3.32 -16.63 6.87
C TRP A 407 -2.12 -16.83 7.76
N ASP A 408 -1.92 -18.07 8.16
CA ASP A 408 -0.73 -18.53 8.85
C ASP A 408 0.18 -19.14 7.79
N LEU A 409 1.32 -18.49 7.53
CA LEU A 409 2.18 -18.89 6.42
C LEU A 409 3.33 -19.80 6.83
N ARG A 410 3.28 -20.37 8.03
CA ARG A 410 4.36 -21.27 8.44
C ARG A 410 4.40 -22.56 7.63
N GLY A 411 3.24 -23.02 7.18
CA GLY A 411 3.15 -24.25 6.40
C GLY A 411 3.78 -24.20 5.03
N GLY A 412 3.91 -25.37 4.39
CA GLY A 412 4.43 -25.43 3.04
C GLY A 412 5.83 -26.03 2.96
N THR A 413 6.41 -25.98 1.77
CA THR A 413 7.74 -26.54 1.52
C THR A 413 8.81 -25.52 1.89
N ALA A 414 9.45 -25.73 3.04
CA ALA A 414 10.37 -24.74 3.60
C ALA A 414 11.82 -25.20 3.56
N GLY A 415 12.10 -26.23 2.76
CA GLY A 415 13.45 -26.72 2.59
C GLY A 415 13.95 -27.51 3.77
N PRO A 416 15.19 -27.24 4.21
CA PRO A 416 15.85 -27.95 5.31
C PRO A 416 15.04 -27.96 6.60
N SER A 439 -4.81 -25.27 4.36
CA SER A 439 -4.93 -23.90 3.87
C SER A 439 -4.03 -22.95 4.63
N GLY A 440 -4.03 -23.08 5.96
CA GLY A 440 -3.39 -22.09 6.80
C GLY A 440 -4.33 -20.91 7.04
N LEU A 441 -5.59 -21.06 6.67
CA LEU A 441 -6.57 -20.02 6.95
C LEU A 441 -6.86 -19.91 8.44
N VAL A 442 -6.66 -18.72 9.01
CA VAL A 442 -6.85 -18.47 10.44
C VAL A 442 -8.21 -17.86 10.71
N LYS A 443 -8.58 -16.87 9.91
CA LYS A 443 -9.85 -16.18 10.11
C LYS A 443 -10.35 -15.59 8.79
N GLU A 444 -11.68 -15.48 8.67
CA GLU A 444 -12.36 -14.86 7.56
C GLU A 444 -13.32 -13.82 8.10
N TRP A 445 -13.38 -12.66 7.45
CA TRP A 445 -14.33 -11.62 7.83
C TRP A 445 -15.19 -11.26 6.64
N LYS A 446 -16.49 -11.44 6.81
CA LYS A 446 -17.45 -11.19 5.74
C LYS A 446 -18.32 -9.98 6.07
N GLY A 447 -18.90 -9.37 5.04
CA GLY A 447 -19.76 -8.22 5.27
C GLY A 447 -19.89 -7.34 4.04
N HIS A 448 -18.81 -7.26 3.26
CA HIS A 448 -18.89 -6.53 2.00
C HIS A 448 -19.63 -7.38 0.99
N ARG A 449 -20.22 -6.71 0.00
CA ARG A 449 -20.71 -7.44 -1.17
C ARG A 449 -19.51 -7.93 -1.97
N SER A 450 -19.72 -9.04 -2.69
CA SER A 450 -18.74 -9.52 -3.66
C SER A 450 -18.74 -8.61 -4.89
N GLY A 451 -17.70 -8.73 -5.72
CA GLY A 451 -17.67 -7.98 -6.96
C GLY A 451 -18.87 -8.30 -7.86
N GLN A 452 -19.28 -9.56 -7.86
CA GLN A 452 -20.41 -10.02 -8.67
C GLN A 452 -21.72 -9.31 -8.28
N GLU A 453 -21.76 -8.78 -7.06
CA GLU A 453 -22.93 -8.05 -6.56
C GLU A 453 -22.68 -6.55 -6.43
N GLY A 454 -21.58 -6.07 -7.02
CA GLY A 454 -21.30 -4.66 -7.03
C GLY A 454 -20.40 -4.18 -5.90
N GLY A 455 -19.71 -5.12 -5.26
CA GLY A 455 -18.81 -4.80 -4.16
C GLY A 455 -17.36 -5.17 -4.44
N GLY A 456 -16.71 -5.73 -3.43
CA GLY A 456 -15.28 -6.02 -3.48
C GLY A 456 -14.53 -5.16 -2.47
N VAL A 457 -13.53 -5.74 -1.80
CA VAL A 457 -12.75 -4.98 -0.84
C VAL A 457 -11.54 -4.35 -1.51
N LEU A 458 -11.50 -3.02 -1.51
CA LEU A 458 -10.46 -2.28 -2.25
C LEU A 458 -9.24 -1.94 -1.40
N GLY A 459 -9.35 -2.06 -0.08
CA GLY A 459 -8.22 -1.75 0.77
C GLY A 459 -8.56 -2.00 2.22
N PHE A 460 -7.54 -1.95 3.08
CA PHE A 460 -7.73 -2.06 4.51
C PHE A 460 -6.53 -1.51 5.26
N VAL A 461 -6.76 -1.17 6.52
CA VAL A 461 -5.67 -0.99 7.47
C VAL A 461 -5.93 -1.89 8.68
N GLN A 462 -4.89 -2.22 9.42
CA GLN A 462 -5.03 -3.17 10.52
C GLN A 462 -4.18 -2.81 11.73
N GLY A 463 -3.67 -1.60 11.76
CA GLY A 463 -2.88 -1.14 12.91
C GLY A 463 -1.61 -1.93 13.09
N GLU A 464 -1.01 -1.83 14.27
CA GLU A 464 0.22 -2.55 14.55
C GLU A 464 -0.02 -4.02 14.87
N THR A 465 -1.13 -4.31 15.53
CA THR A 465 -1.35 -5.66 16.05
C THR A 465 -2.27 -6.52 15.21
N GLY A 466 -2.94 -5.92 14.24
CA GLY A 466 -3.89 -6.67 13.42
C GLY A 466 -5.23 -6.97 14.08
N GLU A 467 -5.44 -6.44 15.28
CA GLU A 467 -6.62 -6.80 16.05
C GLU A 467 -7.88 -6.08 15.60
N ARG A 468 -7.72 -4.91 14.99
CA ARG A 468 -8.84 -4.19 14.42
C ARG A 468 -8.53 -3.87 12.98
N ILE A 469 -9.42 -4.31 12.10
CA ILE A 469 -9.26 -4.12 10.66
C ILE A 469 -10.34 -3.19 10.16
N VAL A 470 -9.95 -2.14 9.45
CA VAL A 470 -10.91 -1.25 8.83
C VAL A 470 -10.77 -1.37 7.33
N THR A 471 -11.89 -1.57 6.65
CA THR A 471 -11.91 -1.85 5.22
C THR A 471 -12.56 -0.75 4.41
N VAL A 472 -12.23 -0.69 3.13
CA VAL A 472 -12.93 0.19 2.20
C VAL A 472 -13.39 -0.65 1.01
N GLY A 473 -14.66 -0.45 0.63
CA GLY A 473 -15.23 -1.28 -0.42
C GLY A 473 -15.72 -0.56 -1.67
N ASP A 474 -15.79 -1.31 -2.77
CA ASP A 474 -16.34 -0.75 -3.99
C ASP A 474 -17.84 -0.61 -3.88
N ASP A 475 -18.42 -1.25 -2.86
CA ASP A 475 -19.85 -1.13 -2.53
C ASP A 475 -20.16 0.10 -1.67
N ALA A 476 -19.20 1.02 -1.56
CA ALA A 476 -19.38 2.33 -0.91
C ALA A 476 -19.54 2.24 0.59
N VAL A 477 -19.03 1.14 1.18
CA VAL A 477 -19.12 0.96 2.62
C VAL A 477 -17.73 0.78 3.21
N VAL A 478 -17.60 1.22 4.45
CA VAL A 478 -16.42 1.05 5.30
C VAL A 478 -16.82 0.16 6.46
N LEU A 479 -16.09 -0.93 6.68
CA LEU A 479 -16.43 -1.87 7.77
C LEU A 479 -15.31 -1.97 8.78
N VAL A 480 -15.66 -2.32 10.02
CA VAL A 480 -14.69 -2.55 11.09
C VAL A 480 -14.83 -3.98 11.55
N PHE A 481 -13.70 -4.69 11.61
CA PHE A 481 -13.66 -6.08 12.04
C PHE A 481 -12.70 -6.23 13.23
N GLU A 482 -12.91 -7.25 14.05
CA GLU A 482 -11.97 -7.52 15.13
C GLU A 482 -11.48 -8.96 15.09
N ALA A 483 -10.24 -9.16 15.51
CA ALA A 483 -9.65 -10.50 15.53
C ALA A 483 -10.00 -11.27 16.82
N GLY A 484 -10.26 -10.52 17.90
CA GLY A 484 -10.68 -11.12 19.17
C GLY A 484 -9.67 -11.95 19.93
N SER A 485 -8.41 -11.52 19.94
CA SER A 485 -7.38 -12.28 20.64
C SER A 485 -7.53 -12.17 22.15
N HIS A 486 -8.12 -11.09 22.63
CA HIS A 486 -8.39 -10.96 24.06
C HIS A 486 -9.78 -11.49 24.36
N HIS A 487 -9.84 -12.67 24.98
CA HIS A 487 -11.14 -13.32 25.21
C HIS A 487 -11.86 -12.77 26.44
N HIS A 488 -11.16 -11.95 27.22
CA HIS A 488 -11.69 -11.41 28.47
C HIS A 488 -12.27 -12.52 29.33
N HIS A 489 -11.44 -13.53 29.60
CA HIS A 489 -11.81 -14.63 30.47
C HIS A 489 -12.14 -14.13 31.87
N HIS A 490 -13.11 -14.79 32.50
CA HIS A 490 -13.44 -14.54 33.90
C HIS A 490 -12.80 -15.59 34.81
#